data_4W5M
# 
_entry.id   4W5M 
# 
_audit_conform.dict_name       mmcif_pdbx.dic 
_audit_conform.dict_version    5.383 
_audit_conform.dict_location   http://mmcif.pdb.org/dictionaries/ascii/mmcif_pdbx.dic 
# 
loop_
_database_2.database_id 
_database_2.database_code 
_database_2.pdbx_database_accession 
_database_2.pdbx_DOI 
PDB   4W5M         pdb_00004w5m 10.2210/pdb4w5m/pdb 
WWPDB D_1000203192 ?            ?                   
# 
loop_
_pdbx_audit_revision_history.ordinal 
_pdbx_audit_revision_history.data_content_type 
_pdbx_audit_revision_history.major_revision 
_pdbx_audit_revision_history.minor_revision 
_pdbx_audit_revision_history.revision_date 
1 'Structure model' 1 0 2015-05-27 
2 'Structure model' 1 1 2015-07-01 
3 'Structure model' 1 2 2017-11-22 
4 'Structure model' 1 3 2023-12-27 
# 
_pdbx_audit_revision_details.ordinal             1 
_pdbx_audit_revision_details.revision_ordinal    1 
_pdbx_audit_revision_details.data_content_type   'Structure model' 
_pdbx_audit_revision_details.provider            repository 
_pdbx_audit_revision_details.type                'Initial release' 
_pdbx_audit_revision_details.description         ? 
_pdbx_audit_revision_details.details             ? 
# 
loop_
_pdbx_audit_revision_group.ordinal 
_pdbx_audit_revision_group.revision_ordinal 
_pdbx_audit_revision_group.data_content_type 
_pdbx_audit_revision_group.group 
1 2 'Structure model' 'Database references'    
2 2 'Structure model' 'Derived calculations'   
3 3 'Structure model' 'Derived calculations'   
4 3 'Structure model' 'Refinement description' 
5 3 'Structure model' 'Source and taxonomy'    
6 4 'Structure model' 'Data collection'        
7 4 'Structure model' 'Database references'    
# 
loop_
_pdbx_audit_revision_category.ordinal 
_pdbx_audit_revision_category.revision_ordinal 
_pdbx_audit_revision_category.data_content_type 
_pdbx_audit_revision_category.category 
1 3 'Structure model' pdbx_entity_src_syn         
2 3 'Structure model' pdbx_struct_assembly        
3 3 'Structure model' pdbx_struct_assembly_gen    
4 3 'Structure model' pdbx_struct_oper_list       
5 3 'Structure model' software                    
6 4 'Structure model' chem_comp_atom              
7 4 'Structure model' chem_comp_bond              
8 4 'Structure model' database_2                  
9 4 'Structure model' diffrn_radiation_wavelength 
# 
loop_
_pdbx_audit_revision_item.ordinal 
_pdbx_audit_revision_item.revision_ordinal 
_pdbx_audit_revision_item.data_content_type 
_pdbx_audit_revision_item.item 
1 3 'Structure model' '_pdbx_entity_src_syn.pdbx_alt_source_flag' 
2 3 'Structure model' '_pdbx_struct_assembly.oligomeric_details'  
3 3 'Structure model' '_pdbx_struct_assembly_gen.asym_id_list'    
4 3 'Structure model' '_pdbx_struct_oper_list.symmetry_operation' 
5 4 'Structure model' '_database_2.pdbx_DOI'                      
6 4 'Structure model' '_database_2.pdbx_database_accession'       
# 
_pdbx_database_status.status_code                     REL 
_pdbx_database_status.status_code_sf                  REL 
_pdbx_database_status.status_code_mr                  ? 
_pdbx_database_status.entry_id                        4W5M 
_pdbx_database_status.recvd_initial_deposition_date   2014-08-18 
_pdbx_database_status.SG_entry                        N 
_pdbx_database_status.deposit_site                    RCSB 
_pdbx_database_status.process_site                    RCSB 
_pdbx_database_status.status_code_cs                  ? 
_pdbx_database_status.methods_development_category    ? 
_pdbx_database_status.pdb_format_compatible           Y 
_pdbx_database_status.status_code_nmr_data            ? 
# 
loop_
_pdbx_database_related.content_type 
_pdbx_database_related.db_id 
_pdbx_database_related.db_name 
_pdbx_database_related.details 
unspecified 4W5L PDB . 
unspecified 4W5P PDB . 
unspecified 4TUT PDB . 
unspecified 4W5Y PDB . 
unspecified 4W67 PDB . 
unspecified 4W71 PDB . 
unspecified 4WBU PDB . 
unspecified 4WBV PDB . 
unspecified 4UBZ PDB . 
unspecified 4UBY PDB . 
# 
loop_
_audit_author.name 
_audit_author.pdbx_ordinal 
'Yu, L.'     1 
'Lee, S.-J.' 2 
'Yee, V.'    3 
# 
_citation.abstract                  ? 
_citation.abstract_id_CAS           ? 
_citation.book_id_ISBN              ? 
_citation.book_publisher            ? 
_citation.book_publisher_city       ? 
_citation.book_title                ? 
_citation.coordinate_linkage        ? 
_citation.country                   US 
_citation.database_id_Medline       ? 
_citation.details                   ? 
_citation.id                        primary 
_citation.journal_abbrev            Biochemistry 
_citation.journal_id_ASTM           BICHAW 
_citation.journal_id_CSD            0033 
_citation.journal_id_ISSN           0006-2960 
_citation.journal_full              ? 
_citation.journal_issue             ? 
_citation.journal_volume            54 
_citation.language                  ? 
_citation.page_first                3640 
_citation.page_last                 3648 
_citation.title                     
'Crystal Structures of Polymorphic Prion Protein beta 1 Peptides Reveal Variable Steric Zipper Conformations.' 
_citation.year                      2015 
_citation.database_id_CSD           ? 
_citation.pdbx_database_id_DOI      10.1021/acs.biochem.5b00425 
_citation.pdbx_database_id_PubMed   25978088 
_citation.unpublished_flag          ? 
# 
loop_
_citation_author.citation_id 
_citation_author.name 
_citation_author.ordinal 
_citation_author.identifier_ORCID 
primary 'Yu, L.'    1 ? 
primary 'Lee, S.J.' 2 ? 
primary 'Yee, V.C.' 3 ? 
# 
loop_
_entity.id 
_entity.type 
_entity.src_method 
_entity.pdbx_description 
_entity.formula_weight 
_entity.pdbx_number_of_molecules 
_entity.pdbx_ec 
_entity.pdbx_mutation 
_entity.pdbx_fragment 
_entity.details 
1 polymer     syn 'PrP peptide'                   683.776 2 ? ? ? ? 
2 non-polymer syn '(4S)-2-METHYL-2,4-PENTANEDIOL' 118.174 1 ? ? ? ? 
3 water       nat water                           18.015  4 ? ? ? ? 
# 
_entity_poly.entity_id                      1 
_entity_poly.type                           'polypeptide(L)' 
_entity_poly.nstd_linkage                   no 
_entity_poly.nstd_monomer                   no 
_entity_poly.pdbx_seq_one_letter_code       GGYMLGS 
_entity_poly.pdbx_seq_one_letter_code_can   GGYMLGS 
_entity_poly.pdbx_strand_id                 A,B 
_entity_poly.pdbx_target_identifier         ? 
# 
loop_
_pdbx_entity_nonpoly.entity_id 
_pdbx_entity_nonpoly.name 
_pdbx_entity_nonpoly.comp_id 
2 '(4S)-2-METHYL-2,4-PENTANEDIOL' MPD 
3 water                           HOH 
# 
loop_
_entity_poly_seq.entity_id 
_entity_poly_seq.num 
_entity_poly_seq.mon_id 
_entity_poly_seq.hetero 
1 1 GLY n 
1 2 GLY n 
1 3 TYR n 
1 4 MET n 
1 5 LEU n 
1 6 GLY n 
1 7 SER n 
# 
_pdbx_entity_src_syn.entity_id              1 
_pdbx_entity_src_syn.pdbx_src_id            1 
_pdbx_entity_src_syn.pdbx_alt_source_flag   sample 
_pdbx_entity_src_syn.pdbx_beg_seq_num       1 
_pdbx_entity_src_syn.pdbx_end_seq_num       7 
_pdbx_entity_src_syn.organism_scientific    'synthetic construct' 
_pdbx_entity_src_syn.organism_common_name   ? 
_pdbx_entity_src_syn.ncbi_taxonomy_id       32630 
_pdbx_entity_src_syn.details                synthetic 
# 
loop_
_chem_comp.id 
_chem_comp.type 
_chem_comp.mon_nstd_flag 
_chem_comp.name 
_chem_comp.pdbx_synonyms 
_chem_comp.formula 
_chem_comp.formula_weight 
GLY 'peptide linking'   y GLYCINE                         ? 'C2 H5 N O2'    75.067  
HOH non-polymer         . WATER                           ? 'H2 O'          18.015  
LEU 'L-peptide linking' y LEUCINE                         ? 'C6 H13 N O2'   131.173 
MET 'L-peptide linking' y METHIONINE                      ? 'C5 H11 N O2 S' 149.211 
MPD non-polymer         . '(4S)-2-METHYL-2,4-PENTANEDIOL' ? 'C6 H14 O2'     118.174 
SER 'L-peptide linking' y SERINE                          ? 'C3 H7 N O3'    105.093 
TYR 'L-peptide linking' y TYROSINE                        ? 'C9 H11 N O3'   181.189 
# 
loop_
_pdbx_poly_seq_scheme.asym_id 
_pdbx_poly_seq_scheme.entity_id 
_pdbx_poly_seq_scheme.seq_id 
_pdbx_poly_seq_scheme.mon_id 
_pdbx_poly_seq_scheme.ndb_seq_num 
_pdbx_poly_seq_scheme.pdb_seq_num 
_pdbx_poly_seq_scheme.auth_seq_num 
_pdbx_poly_seq_scheme.pdb_mon_id 
_pdbx_poly_seq_scheme.auth_mon_id 
_pdbx_poly_seq_scheme.pdb_strand_id 
_pdbx_poly_seq_scheme.pdb_ins_code 
_pdbx_poly_seq_scheme.hetero 
A 1 1 GLY 1 126 126 GLY GLY A . n 
A 1 2 GLY 2 127 127 GLY GLY A . n 
A 1 3 TYR 3 128 128 TYR TYR A . n 
A 1 4 MET 4 129 129 MET MET A . n 
A 1 5 LEU 5 130 130 LEU LEU A . n 
A 1 6 GLY 6 131 131 GLY GLY A . n 
A 1 7 SER 7 132 132 SER SER A . n 
B 1 1 GLY 1 126 126 GLY GLY B . n 
B 1 2 GLY 2 127 127 GLY GLY B . n 
B 1 3 TYR 3 128 128 TYR TYR B . n 
B 1 4 MET 4 129 129 MET MET B . n 
B 1 5 LEU 5 130 130 LEU LEU B . n 
B 1 6 GLY 6 131 131 GLY GLY B . n 
B 1 7 SER 7 132 132 SER SER B . n 
# 
loop_
_pdbx_nonpoly_scheme.asym_id 
_pdbx_nonpoly_scheme.entity_id 
_pdbx_nonpoly_scheme.mon_id 
_pdbx_nonpoly_scheme.ndb_seq_num 
_pdbx_nonpoly_scheme.pdb_seq_num 
_pdbx_nonpoly_scheme.auth_seq_num 
_pdbx_nonpoly_scheme.pdb_mon_id 
_pdbx_nonpoly_scheme.auth_mon_id 
_pdbx_nonpoly_scheme.pdb_strand_id 
_pdbx_nonpoly_scheme.pdb_ins_code 
C 2 MPD 1 201 1 MPD MPD B . 
D 3 HOH 1 201 2 HOH HOH A . 
E 3 HOH 1 301 4 HOH HOH B . 
E 3 HOH 2 302 3 HOH HOH B . 
E 3 HOH 3 303 1 HOH HOH B . 
# 
loop_
_software.citation_id 
_software.classification 
_software.compiler_name 
_software.compiler_version 
_software.contact_author 
_software.contact_author_email 
_software.date 
_software.description 
_software.dependencies 
_software.hardware 
_software.language 
_software.location 
_software.mods 
_software.name 
_software.os 
_software.os_version 
_software.type 
_software.version 
_software.pdbx_ordinal 
? 'data reduction'  ? ? ? ? ? ? ? ? ? ? ? HKL-2000    ? ? ? .                           1 
? 'data scaling'    ? ? ? ? ? ? ? ? ? ? ? HKL-2000    ? ? ? .                           2 
? 'data extraction' ? ? ? ? ? ? ? ? ? ? ? PDB_EXTRACT ? ? ? 3.14                        3 
? phasing           ? ? ? ? ? ? ? ? ? ? ? SHELX       ? ? ? .                           4 
? refinement        ? ? ? ? ? ? ? ? ? ? ? PHENIX      ? ? ? '(phenix.refine: 1.9_1692)' 5 
? 'data reduction'  ? ? ? ? ? ? ? ? ? ? ? DENZO       ? ? ? .                           6 
? 'data scaling'    ? ? ? ? ? ? ? ? ? ? ? SCALEPACK   ? ? ? .                           7 
# 
_cell.length_a           47.481 
_cell.length_b           9.437 
_cell.length_c           22.621 
_cell.angle_alpha        90.000 
_cell.angle_beta         95.180 
_cell.angle_gamma        90.000 
_cell.entry_id           4W5M 
_cell.Z_PDB              8 
_cell.pdbx_unique_axis   ? 
# 
_symmetry.entry_id                         4W5M 
_symmetry.cell_setting                     ? 
_symmetry.Int_Tables_number                5 
_symmetry.space_group_name_Hall            ? 
_symmetry.space_group_name_H-M             'C 1 2 1' 
_symmetry.pdbx_full_space_group_name_H-M   ? 
# 
_exptl.absorpt_coefficient_mu     ? 
_exptl.absorpt_correction_T_max   ? 
_exptl.absorpt_correction_T_min   ? 
_exptl.absorpt_correction_type    ? 
_exptl.absorpt_process_details    ? 
_exptl.entry_id                   4W5M 
_exptl.crystals_number            1 
_exptl.details                    ? 
_exptl.method                     'X-RAY DIFFRACTION' 
_exptl.method_details             ? 
# 
_exptl_crystal.colour                      ? 
_exptl_crystal.density_diffrn              ? 
_exptl_crystal.density_Matthews            1.85 
_exptl_crystal.density_method              ? 
_exptl_crystal.density_percent_sol         33.35 
_exptl_crystal.description                 ? 
_exptl_crystal.F_000                       ? 
_exptl_crystal.id                          1 
_exptl_crystal.preparation                 ? 
_exptl_crystal.size_max                    ? 
_exptl_crystal.size_mid                    ? 
_exptl_crystal.size_min                    ? 
_exptl_crystal.size_rad                    ? 
_exptl_crystal.colour_lustre               ? 
_exptl_crystal.colour_modifier             ? 
_exptl_crystal.colour_primary              ? 
_exptl_crystal.density_meas                ? 
_exptl_crystal.density_meas_esd            ? 
_exptl_crystal.density_meas_gt             ? 
_exptl_crystal.density_meas_lt             ? 
_exptl_crystal.density_meas_temp           ? 
_exptl_crystal.density_meas_temp_esd       ? 
_exptl_crystal.density_meas_temp_gt        ? 
_exptl_crystal.density_meas_temp_lt        ? 
_exptl_crystal.pdbx_crystal_image_url      ? 
_exptl_crystal.pdbx_crystal_image_format   ? 
_exptl_crystal.pdbx_mosaicity              ? 
_exptl_crystal.pdbx_mosaicity_esd          ? 
# 
_exptl_crystal_grow.apparatus       ? 
_exptl_crystal_grow.atmosphere      ? 
_exptl_crystal_grow.crystal_id      1 
_exptl_crystal_grow.details         ? 
_exptl_crystal_grow.method          'VAPOR DIFFUSION, SITTING DROP' 
_exptl_crystal_grow.method_ref      ? 
_exptl_crystal_grow.pH              5.5 
_exptl_crystal_grow.pressure        ? 
_exptl_crystal_grow.pressure_esd    ? 
_exptl_crystal_grow.seeding         ? 
_exptl_crystal_grow.seeding_ref     ? 
_exptl_crystal_grow.temp            293 
_exptl_crystal_grow.temp_details    ? 
_exptl_crystal_grow.temp_esd        ? 
_exptl_crystal_grow.time            ? 
_exptl_crystal_grow.pdbx_details    '0.1 M Bis-tris, 2% 2-methyl-2,4-pentanediol (MPD), and 1.1 M ammonium sulfate' 
_exptl_crystal_grow.pdbx_pH_range   ? 
# 
_diffrn.ambient_environment    ? 
_diffrn.ambient_temp           100 
_diffrn.ambient_temp_details   ? 
_diffrn.ambient_temp_esd       ? 
_diffrn.crystal_id             1 
_diffrn.crystal_support        ? 
_diffrn.crystal_treatment      ? 
_diffrn.details                ? 
_diffrn.id                     1 
_diffrn.ambient_pressure       ? 
_diffrn.ambient_pressure_esd   ? 
_diffrn.ambient_pressure_gt    ? 
_diffrn.ambient_pressure_lt    ? 
_diffrn.ambient_temp_gt        ? 
_diffrn.ambient_temp_lt        ? 
# 
_diffrn_detector.details                      ? 
_diffrn_detector.detector                     CCD 
_diffrn_detector.diffrn_id                    1 
_diffrn_detector.type                         'ADSC QUANTUM 315r' 
_diffrn_detector.area_resol_mean              ? 
_diffrn_detector.dtime                        ? 
_diffrn_detector.pdbx_frames_total            ? 
_diffrn_detector.pdbx_collection_time_total   ? 
_diffrn_detector.pdbx_collection_date         2009-08-23 
# 
_diffrn_radiation.collimation                      ? 
_diffrn_radiation.diffrn_id                        1 
_diffrn_radiation.filter_edge                      ? 
_diffrn_radiation.inhomogeneity                    ? 
_diffrn_radiation.monochromator                    ? 
_diffrn_radiation.polarisn_norm                    ? 
_diffrn_radiation.polarisn_ratio                   ? 
_diffrn_radiation.probe                            ? 
_diffrn_radiation.type                             ? 
_diffrn_radiation.xray_symbol                      ? 
_diffrn_radiation.wavelength_id                    1 
_diffrn_radiation.pdbx_monochromatic_or_laue_m_l   M 
_diffrn_radiation.pdbx_wavelength_list             ? 
_diffrn_radiation.pdbx_wavelength                  ? 
_diffrn_radiation.pdbx_diffrn_protocol             'SINGLE WAVELENGTH' 
_diffrn_radiation.pdbx_analyzer                    ? 
_diffrn_radiation.pdbx_scattering_type             x-ray 
# 
_diffrn_radiation_wavelength.id           1 
_diffrn_radiation_wavelength.wavelength   0.97940 
_diffrn_radiation_wavelength.wt           1.0 
# 
_diffrn_source.current                     ? 
_diffrn_source.details                     ? 
_diffrn_source.diffrn_id                   1 
_diffrn_source.power                       ? 
_diffrn_source.size                        ? 
_diffrn_source.source                      SYNCHROTRON 
_diffrn_source.target                      ? 
_diffrn_source.type                        'APS BEAMLINE 19-ID' 
_diffrn_source.voltage                     ? 
_diffrn_source.take-off_angle              ? 
_diffrn_source.pdbx_wavelength_list        0.97940 
_diffrn_source.pdbx_wavelength             ? 
_diffrn_source.pdbx_synchrotron_beamline   19-ID 
_diffrn_source.pdbx_synchrotron_site       APS 
# 
_reflns.B_iso_Wilson_estimate            ? 
_reflns.entry_id                         4W5M 
_reflns.data_reduction_details           ? 
_reflns.data_reduction_method            ? 
_reflns.d_resolution_high                1.200 
_reflns.d_resolution_low                 50.000 
_reflns.details                          ? 
_reflns.limit_h_max                      ? 
_reflns.limit_h_min                      ? 
_reflns.limit_k_max                      ? 
_reflns.limit_k_min                      ? 
_reflns.limit_l_max                      ? 
_reflns.limit_l_min                      ? 
_reflns.number_all                       ? 
_reflns.number_obs                       2911 
_reflns.observed_criterion               ? 
_reflns.observed_criterion_F_max         ? 
_reflns.observed_criterion_F_min         ? 
_reflns.observed_criterion_I_max         ? 
_reflns.observed_criterion_I_min         ? 
_reflns.observed_criterion_sigma_F       ? 
_reflns.observed_criterion_sigma_I       ? 
_reflns.percent_possible_obs             86.900 
_reflns.R_free_details                   ? 
_reflns.Rmerge_F_all                     ? 
_reflns.Rmerge_F_obs                     ? 
_reflns.Friedel_coverage                 ? 
_reflns.number_gt                        ? 
_reflns.threshold_expression             ? 
_reflns.pdbx_redundancy                  2.400 
_reflns.pdbx_Rmerge_I_obs                0.071 
_reflns.pdbx_Rmerge_I_all                ? 
_reflns.pdbx_Rsym_value                  ? 
_reflns.pdbx_netI_over_av_sigmaI         12.776 
_reflns.pdbx_netI_over_sigmaI            11.100 
_reflns.pdbx_res_netI_over_av_sigmaI_2   ? 
_reflns.pdbx_res_netI_over_sigmaI_2      ? 
_reflns.pdbx_chi_squared                 1.026 
_reflns.pdbx_scaling_rejects             ? 
_reflns.pdbx_d_res_high_opt              ? 
_reflns.pdbx_d_res_low_opt               ? 
_reflns.pdbx_d_res_opt_method            ? 
_reflns.phase_calculation_details        ? 
_reflns.pdbx_Rrim_I_all                  ? 
_reflns.pdbx_Rpim_I_all                  ? 
_reflns.pdbx_d_opt                       ? 
_reflns.pdbx_number_measured_all         7028 
_reflns.pdbx_diffrn_id                   1 
_reflns.pdbx_ordinal                     1 
_reflns.pdbx_CC_half                     ? 
_reflns.pdbx_R_split                     ? 
# 
loop_
_reflns_shell.d_res_high 
_reflns_shell.d_res_low 
_reflns_shell.meanI_over_sigI_all 
_reflns_shell.meanI_over_sigI_obs 
_reflns_shell.number_measured_all 
_reflns_shell.number_measured_obs 
_reflns_shell.number_possible 
_reflns_shell.number_unique_all 
_reflns_shell.number_unique_obs 
_reflns_shell.percent_possible_all 
_reflns_shell.percent_possible_obs 
_reflns_shell.Rmerge_F_all 
_reflns_shell.Rmerge_F_obs 
_reflns_shell.Rmerge_I_all 
_reflns_shell.Rmerge_I_obs 
_reflns_shell.meanI_over_sigI_gt 
_reflns_shell.meanI_over_uI_all 
_reflns_shell.meanI_over_uI_gt 
_reflns_shell.number_measured_gt 
_reflns_shell.number_unique_gt 
_reflns_shell.percent_possible_gt 
_reflns_shell.Rmerge_F_gt 
_reflns_shell.Rmerge_I_gt 
_reflns_shell.pdbx_redundancy 
_reflns_shell.pdbx_Rsym_value 
_reflns_shell.pdbx_chi_squared 
_reflns_shell.pdbx_netI_over_sigmaI_all 
_reflns_shell.pdbx_netI_over_sigmaI_obs 
_reflns_shell.pdbx_Rrim_I_all 
_reflns_shell.pdbx_Rpim_I_all 
_reflns_shell.pdbx_rejects 
_reflns_shell.pdbx_ordinal 
_reflns_shell.pdbx_diffrn_id 
_reflns_shell.pdbx_CC_half 
_reflns_shell.pdbx_R_split 
1.200 1.240  ? ? ? ? ? 154 ? 49.200 ? ? ? ? 0.099 ? ? ? ? ? ? ? ? 1.500 ? 0.952 ? ? ? ? 0 1  1 ? ? 
1.240 1.290  ? ? ? ? ? 245 ? 72.300 ? ? ? ? 0.097 ? ? ? ? ? ? ? ? 1.800 ? 1.059 ? ? ? ? 0 2  1 ? ? 
1.290 1.350  ? ? ? ? ? 265 ? 77.900 ? ? ? ? 0.102 ? ? ? ? ? ? ? ? 2.000 ? 1.039 ? ? ? ? 0 3  1 ? ? 
1.350 1.420  ? ? ? ? ? 291 ? 92.100 ? ? ? ? 0.101 ? ? ? ? ? ? ? ? 2.300 ? 1.031 ? ? ? ? 0 4  1 ? ? 
1.420 1.510  ? ? ? ? ? 328 ? 96.200 ? ? ? ? 0.092 ? ? ? ? ? ? ? ? 2.400 ? 1.124 ? ? ? ? 0 5  1 ? ? 
1.510 1.630  ? ? ? ? ? 320 ? 98.200 ? ? ? ? 0.086 ? ? ? ? ? ? ? ? 2.600 ? 1.001 ? ? ? ? 0 6  1 ? ? 
1.630 1.790  ? ? ? ? ? 311 ? 98.100 ? ? ? ? 0.079 ? ? ? ? ? ? ? ? 2.800 ? 1.012 ? ? ? ? 0 7  1 ? ? 
1.790 2.050  ? ? ? ? ? 343 ? 99.100 ? ? ? ? 0.073 ? ? ? ? ? ? ? ? 2.800 ? 0.951 ? ? ? ? 0 8  1 ? ? 
2.050 2.590  ? ? ? ? ? 337 ? 98.800 ? ? ? ? 0.065 ? ? ? ? ? ? ? ? 2.800 ? 1.053 ? ? ? ? 0 9  1 ? ? 
2.590 50.000 ? ? ? ? ? 317 ? 85.200 ? ? ? ? 0.065 ? ? ? ? ? ? ? ? 2.500 ? 1.030 ? ? ? ? 0 10 1 ? ? 
# 
_refine.aniso_B[1][1]                            ? 
_refine.aniso_B[1][2]                            ? 
_refine.aniso_B[1][3]                            ? 
_refine.aniso_B[2][2]                            ? 
_refine.aniso_B[2][3]                            ? 
_refine.aniso_B[3][3]                            ? 
_refine.B_iso_max                                44.550 
_refine.B_iso_mean                               17.1338 
_refine.B_iso_min                                6.020 
_refine.correlation_coeff_Fo_to_Fc               ? 
_refine.correlation_coeff_Fo_to_Fc_free          ? 
_refine.details                                  ? 
_refine.diff_density_max                         ? 
_refine.diff_density_max_esd                     ? 
_refine.diff_density_min                         ? 
_refine.diff_density_min_esd                     ? 
_refine.diff_density_rms                         ? 
_refine.diff_density_rms_esd                     ? 
_refine.entry_id                                 4W5M 
_refine.pdbx_refine_id                           'X-RAY DIFFRACTION' 
_refine.ls_abs_structure_details                 ? 
_refine.ls_abs_structure_Flack                   ? 
_refine.ls_abs_structure_Flack_esd               ? 
_refine.ls_abs_structure_Rogers                  ? 
_refine.ls_abs_structure_Rogers_esd              ? 
_refine.ls_d_res_high                            1.2000 
_refine.ls_d_res_low                             23.6440 
_refine.ls_extinction_coef                       ? 
_refine.ls_extinction_coef_esd                   ? 
_refine.ls_extinction_expression                 ? 
_refine.ls_extinction_method                     ? 
_refine.ls_goodness_of_fit_all                   ? 
_refine.ls_goodness_of_fit_all_esd               ? 
_refine.ls_goodness_of_fit_obs                   ? 
_refine.ls_goodness_of_fit_obs_esd               ? 
_refine.ls_hydrogen_treatment                    ? 
_refine.ls_matrix_type                           ? 
_refine.ls_number_constraints                    ? 
_refine.ls_number_parameters                     ? 
_refine.ls_number_reflns_all                     ? 
_refine.ls_number_reflns_obs                     2884 
_refine.ls_number_reflns_R_free                  119 
_refine.ls_number_reflns_R_work                  ? 
_refine.ls_number_restraints                     ? 
_refine.ls_percent_reflns_obs                    86.0100 
_refine.ls_percent_reflns_R_free                 4.1300 
_refine.ls_R_factor_all                          ? 
_refine.ls_R_factor_obs                          0.1955 
_refine.ls_R_factor_R_free                       0.2564 
_refine.ls_R_factor_R_free_error                 ? 
_refine.ls_R_factor_R_free_error_details         ? 
_refine.ls_R_factor_R_work                       0.1934 
_refine.ls_R_Fsqd_factor_obs                     ? 
_refine.ls_R_I_factor_obs                        ? 
_refine.ls_redundancy_reflns_all                 ? 
_refine.ls_redundancy_reflns_obs                 ? 
_refine.ls_restrained_S_all                      ? 
_refine.ls_restrained_S_obs                      ? 
_refine.ls_shift_over_esd_max                    ? 
_refine.ls_shift_over_esd_mean                   ? 
_refine.ls_structure_factor_coef                 ? 
_refine.ls_weighting_details                     ? 
_refine.ls_weighting_scheme                      ? 
_refine.ls_wR_factor_all                         ? 
_refine.ls_wR_factor_obs                         ? 
_refine.ls_wR_factor_R_free                      ? 
_refine.ls_wR_factor_R_work                      ? 
_refine.occupancy_max                            ? 
_refine.occupancy_min                            ? 
_refine.solvent_model_details                    'FLAT BULK SOLVENT MODEL' 
_refine.solvent_model_param_bsol                 ? 
_refine.solvent_model_param_ksol                 ? 
_refine.ls_R_factor_gt                           ? 
_refine.ls_goodness_of_fit_gt                    ? 
_refine.ls_goodness_of_fit_ref                   ? 
_refine.ls_shift_over_su_max                     ? 
_refine.ls_shift_over_su_max_lt                  ? 
_refine.ls_shift_over_su_mean                    ? 
_refine.ls_shift_over_su_mean_lt                 ? 
_refine.pdbx_ls_sigma_I                          ? 
_refine.pdbx_ls_sigma_F                          1.400 
_refine.pdbx_ls_sigma_Fsqd                       ? 
_refine.pdbx_data_cutoff_high_absF               ? 
_refine.pdbx_data_cutoff_high_rms_absF           ? 
_refine.pdbx_data_cutoff_low_absF                ? 
_refine.pdbx_isotropic_thermal_model             ? 
_refine.pdbx_ls_cross_valid_method               'FREE R-VALUE' 
_refine.pdbx_method_to_determine_struct          'MOLECULAR REPLACEMENT' 
_refine.pdbx_starting_model                      ? 
_refine.pdbx_stereochemistry_target_values       ML 
_refine.pdbx_R_Free_selection_details            ? 
_refine.pdbx_stereochem_target_val_spec_case     ? 
_refine.pdbx_overall_ESU_R                       ? 
_refine.pdbx_overall_ESU_R_Free                  ? 
_refine.pdbx_solvent_vdw_probe_radii             1.1100 
_refine.pdbx_solvent_ion_probe_radii             ? 
_refine.pdbx_solvent_shrinkage_radii             0.9000 
_refine.pdbx_real_space_R                        ? 
_refine.pdbx_density_correlation                 ? 
_refine.pdbx_pd_number_of_powder_patterns        ? 
_refine.pdbx_pd_number_of_points                 ? 
_refine.pdbx_pd_meas_number_of_points            ? 
_refine.pdbx_pd_proc_ls_prof_R_factor            ? 
_refine.pdbx_pd_proc_ls_prof_wR_factor           ? 
_refine.pdbx_pd_Marquardt_correlation_coeff      ? 
_refine.pdbx_pd_Fsqrd_R_factor                   ? 
_refine.pdbx_pd_ls_matrix_band_width             ? 
_refine.pdbx_overall_phase_error                 30.5300 
_refine.pdbx_overall_SU_R_free_Cruickshank_DPI   ? 
_refine.pdbx_overall_SU_R_free_Blow_DPI          ? 
_refine.pdbx_overall_SU_R_Blow_DPI               ? 
_refine.pdbx_TLS_residual_ADP_flag               ? 
_refine.pdbx_diffrn_id                           1 
_refine.overall_SU_B                             ? 
_refine.overall_SU_ML                            0.1400 
_refine.overall_SU_R_Cruickshank_DPI             ? 
_refine.overall_SU_R_free                        ? 
_refine.overall_FOM_free_R_set                   ? 
_refine.overall_FOM_work_R_set                   ? 
# 
_refine_hist.cycle_id                         final 
_refine_hist.pdbx_refine_id                   'X-RAY DIFFRACTION' 
_refine_hist.d_res_high                       1.2000 
_refine_hist.d_res_low                        23.6440 
_refine_hist.pdbx_number_atoms_ligand         8 
_refine_hist.number_atoms_solvent             4 
_refine_hist.number_atoms_total               106 
_refine_hist.pdbx_number_residues_total       14 
_refine_hist.pdbx_B_iso_mean_ligand           34.37 
_refine_hist.pdbx_B_iso_mean_solvent          34.24 
_refine_hist.pdbx_number_atoms_protein        94 
_refine_hist.pdbx_number_atoms_nucleic_acid   0 
# 
_struct.entry_id                     4W5M 
_struct.title                        'Prp peptide' 
_struct.pdbx_model_details           ? 
_struct.pdbx_formula_weight          ? 
_struct.pdbx_formula_weight_method   ? 
_struct.pdbx_model_type_details      ? 
_struct.pdbx_CASP_flag               ? 
# 
_struct_keywords.entry_id        4W5M 
_struct_keywords.text            'prion peptide, de novo protein, membrane protein' 
_struct_keywords.pdbx_keywords   'de novo protein, membrane protein' 
# 
loop_
_struct_asym.id 
_struct_asym.pdbx_blank_PDB_chainid_flag 
_struct_asym.pdbx_modified 
_struct_asym.entity_id 
_struct_asym.details 
A N N 1 ? 
B N N 1 ? 
C N N 2 ? 
D N N 3 ? 
E N N 3 ? 
# 
_struct_ref.id                         1 
_struct_ref.db_name                    PDB 
_struct_ref.db_code                    4W5M 
_struct_ref.pdbx_db_accession          4W5M 
_struct_ref.pdbx_db_isoform            ? 
_struct_ref.entity_id                  1 
_struct_ref.pdbx_seq_one_letter_code   ? 
_struct_ref.pdbx_align_begin           1 
# 
loop_
_struct_ref_seq.align_id 
_struct_ref_seq.ref_id 
_struct_ref_seq.pdbx_PDB_id_code 
_struct_ref_seq.pdbx_strand_id 
_struct_ref_seq.seq_align_beg 
_struct_ref_seq.pdbx_seq_align_beg_ins_code 
_struct_ref_seq.seq_align_end 
_struct_ref_seq.pdbx_seq_align_end_ins_code 
_struct_ref_seq.pdbx_db_accession 
_struct_ref_seq.db_align_beg 
_struct_ref_seq.pdbx_db_align_beg_ins_code 
_struct_ref_seq.db_align_end 
_struct_ref_seq.pdbx_db_align_end_ins_code 
_struct_ref_seq.pdbx_auth_seq_align_beg 
_struct_ref_seq.pdbx_auth_seq_align_end 
1 1 4W5M A 1 ? 7 ? 4W5M 126 ? 132 ? 126 132 
2 1 4W5M B 1 ? 7 ? 4W5M 126 ? 132 ? 126 132 
# 
_pdbx_struct_assembly.id                   1 
_pdbx_struct_assembly.details              author_defined_assembly 
_pdbx_struct_assembly.method_details       ? 
_pdbx_struct_assembly.oligomeric_details   decameric 
_pdbx_struct_assembly.oligomeric_count     10 
# 
_pdbx_struct_assembly_gen.assembly_id       1 
_pdbx_struct_assembly_gen.oper_expression   1,2,3,4,5 
_pdbx_struct_assembly_gen.asym_id_list      A,B,C,D,E 
# 
loop_
_pdbx_struct_oper_list.id 
_pdbx_struct_oper_list.type 
_pdbx_struct_oper_list.name 
_pdbx_struct_oper_list.symmetry_operation 
_pdbx_struct_oper_list.matrix[1][1] 
_pdbx_struct_oper_list.matrix[1][2] 
_pdbx_struct_oper_list.matrix[1][3] 
_pdbx_struct_oper_list.vector[1] 
_pdbx_struct_oper_list.matrix[2][1] 
_pdbx_struct_oper_list.matrix[2][2] 
_pdbx_struct_oper_list.matrix[2][3] 
_pdbx_struct_oper_list.vector[2] 
_pdbx_struct_oper_list.matrix[3][1] 
_pdbx_struct_oper_list.matrix[3][2] 
_pdbx_struct_oper_list.matrix[3][3] 
_pdbx_struct_oper_list.vector[3] 
1 'identity operation'         1_555 x,y,z             1.0000000000 0.0000000000 0.0000000000 0.0000000000  0.0000000000 1.0000000000  0.0000000000 0.0000000000  0.0000000000 0.0000000000 1.0000000000  0.0000000000   
2 'crystal symmetry operation' 4_555 -x+1/2,y+1/2,-z   0.8055862753 0.4705600131 0.3600055932 -0.9356391428 0.4705600131 -0.8773657460 0.0938222886 -6.6040596059 0.3600055932 0.0938222886 -0.9282205293 -11.5821041638 
3 'crystal symmetry operation' 4_556 -x+1/2,y+1/2,-z+1 0.8055862753 0.4705600131 0.3600055932 -6.6484468290 0.4705600131 -0.8773657460 0.0938222886 -0.8371441354 0.3600055932 0.0938222886 -0.9282205293 9.5322548200   
4 'crystal symmetry operation' 4_546 -x+1/2,y-1/2,-z+1 0.8055862753 0.4705600131 0.3600055932 2.3181590211  0.4705600131 -0.8773657460 0.0938222886 1.4996736753  0.3600055932 0.0938222886 -0.9282205293 11.3200554378  
5 'crystal symmetry operation' 4_545 -x+1/2,y-1/2,-z   0.8055862753 0.4705600131 0.3600055932 8.0309667073  0.4705600131 -0.8773657460 0.0938222886 -4.2672417953 0.3600055932 0.0938222886 -0.9282205293 -9.7943035460  
# 
_struct_biol.details                      
;BIOLOGICAL UNIT DISPLAYS ONLY A PORTION OF THE CRYSTAL LATTICE TO DEMONSTRATE THE CRYSTAL PACKING CONTENT. THE CRYSTAL
 PACKING IS FORMED BY A REPETITION IN BOTH DIRECTIONS OF THE PORTION INDICATED IN REMARK 350.
;
_struct_biol.id                           1 
_struct_biol.pdbx_parent_biol_id          ? 
_struct_biol.pdbx_formula_weight          ? 
_struct_biol.pdbx_formula_weight_method   ? 
_struct_biol.pdbx_aggregation_state       ? 
_struct_biol.pdbx_assembly_method         ? 
# 
_struct_site.id                   AC1 
_struct_site.pdbx_evidence_code   Software 
_struct_site.pdbx_auth_asym_id    B 
_struct_site.pdbx_auth_comp_id    MPD 
_struct_site.pdbx_auth_seq_id     201 
_struct_site.pdbx_auth_ins_code   ? 
_struct_site.pdbx_num_residues    5 
_struct_site.details              'binding site for residue MPD B 201' 
# 
loop_
_struct_site_gen.id 
_struct_site_gen.site_id 
_struct_site_gen.pdbx_num_res 
_struct_site_gen.label_comp_id 
_struct_site_gen.label_asym_id 
_struct_site_gen.label_seq_id 
_struct_site_gen.pdbx_auth_ins_code 
_struct_site_gen.auth_comp_id 
_struct_site_gen.auth_asym_id 
_struct_site_gen.auth_seq_id 
_struct_site_gen.label_atom_id 
_struct_site_gen.label_alt_id 
_struct_site_gen.symmetry 
_struct_site_gen.details 
1 AC1 5 GLY B 1 ? GLY B 126 . ? 4_546 ? 
2 AC1 5 GLY B 2 ? GLY B 127 . ? 4_546 ? 
3 AC1 5 MET B 4 ? MET B 129 . ? 4_546 ? 
4 AC1 5 GLY B 6 ? GLY B 131 . ? 1_545 ? 
5 AC1 5 SER B 7 ? SER B 132 . ? 1_555 ? 
# 
_pdbx_struct_special_symmetry.id              1 
_pdbx_struct_special_symmetry.PDB_model_num   1 
_pdbx_struct_special_symmetry.auth_asym_id    B 
_pdbx_struct_special_symmetry.auth_comp_id    HOH 
_pdbx_struct_special_symmetry.auth_seq_id     301 
_pdbx_struct_special_symmetry.PDB_ins_code    ? 
_pdbx_struct_special_symmetry.label_asym_id   E 
_pdbx_struct_special_symmetry.label_comp_id   HOH 
_pdbx_struct_special_symmetry.label_seq_id    . 
# 
loop_
_chem_comp_atom.comp_id 
_chem_comp_atom.atom_id 
_chem_comp_atom.type_symbol 
_chem_comp_atom.pdbx_aromatic_flag 
_chem_comp_atom.pdbx_stereo_config 
_chem_comp_atom.pdbx_ordinal 
GLY N    N N N 1   
GLY CA   C N N 2   
GLY C    C N N 3   
GLY O    O N N 4   
GLY OXT  O N N 5   
GLY H    H N N 6   
GLY H2   H N N 7   
GLY HA2  H N N 8   
GLY HA3  H N N 9   
GLY HXT  H N N 10  
HOH O    O N N 11  
HOH H1   H N N 12  
HOH H2   H N N 13  
LEU N    N N N 14  
LEU CA   C N S 15  
LEU C    C N N 16  
LEU O    O N N 17  
LEU CB   C N N 18  
LEU CG   C N N 19  
LEU CD1  C N N 20  
LEU CD2  C N N 21  
LEU OXT  O N N 22  
LEU H    H N N 23  
LEU H2   H N N 24  
LEU HA   H N N 25  
LEU HB2  H N N 26  
LEU HB3  H N N 27  
LEU HG   H N N 28  
LEU HD11 H N N 29  
LEU HD12 H N N 30  
LEU HD13 H N N 31  
LEU HD21 H N N 32  
LEU HD22 H N N 33  
LEU HD23 H N N 34  
LEU HXT  H N N 35  
MET N    N N N 36  
MET CA   C N S 37  
MET C    C N N 38  
MET O    O N N 39  
MET CB   C N N 40  
MET CG   C N N 41  
MET SD   S N N 42  
MET CE   C N N 43  
MET OXT  O N N 44  
MET H    H N N 45  
MET H2   H N N 46  
MET HA   H N N 47  
MET HB2  H N N 48  
MET HB3  H N N 49  
MET HG2  H N N 50  
MET HG3  H N N 51  
MET HE1  H N N 52  
MET HE2  H N N 53  
MET HE3  H N N 54  
MET HXT  H N N 55  
MPD C1   C N N 56  
MPD C2   C N N 57  
MPD O2   O N N 58  
MPD CM   C N N 59  
MPD C3   C N N 60  
MPD C4   C N S 61  
MPD O4   O N N 62  
MPD C5   C N N 63  
MPD H11  H N N 64  
MPD H12  H N N 65  
MPD H13  H N N 66  
MPD HO2  H N N 67  
MPD HM1  H N N 68  
MPD HM2  H N N 69  
MPD HM3  H N N 70  
MPD H31  H N N 71  
MPD H32  H N N 72  
MPD H4   H N N 73  
MPD HO4  H N N 74  
MPD H51  H N N 75  
MPD H52  H N N 76  
MPD H53  H N N 77  
SER N    N N N 78  
SER CA   C N S 79  
SER C    C N N 80  
SER O    O N N 81  
SER CB   C N N 82  
SER OG   O N N 83  
SER OXT  O N N 84  
SER H    H N N 85  
SER H2   H N N 86  
SER HA   H N N 87  
SER HB2  H N N 88  
SER HB3  H N N 89  
SER HG   H N N 90  
SER HXT  H N N 91  
TYR N    N N N 92  
TYR CA   C N S 93  
TYR C    C N N 94  
TYR O    O N N 95  
TYR CB   C N N 96  
TYR CG   C Y N 97  
TYR CD1  C Y N 98  
TYR CD2  C Y N 99  
TYR CE1  C Y N 100 
TYR CE2  C Y N 101 
TYR CZ   C Y N 102 
TYR OH   O N N 103 
TYR OXT  O N N 104 
TYR H    H N N 105 
TYR H2   H N N 106 
TYR HA   H N N 107 
TYR HB2  H N N 108 
TYR HB3  H N N 109 
TYR HD1  H N N 110 
TYR HD2  H N N 111 
TYR HE1  H N N 112 
TYR HE2  H N N 113 
TYR HH   H N N 114 
TYR HXT  H N N 115 
# 
loop_
_chem_comp_bond.comp_id 
_chem_comp_bond.atom_id_1 
_chem_comp_bond.atom_id_2 
_chem_comp_bond.value_order 
_chem_comp_bond.pdbx_aromatic_flag 
_chem_comp_bond.pdbx_stereo_config 
_chem_comp_bond.pdbx_ordinal 
GLY N   CA   sing N N 1   
GLY N   H    sing N N 2   
GLY N   H2   sing N N 3   
GLY CA  C    sing N N 4   
GLY CA  HA2  sing N N 5   
GLY CA  HA3  sing N N 6   
GLY C   O    doub N N 7   
GLY C   OXT  sing N N 8   
GLY OXT HXT  sing N N 9   
HOH O   H1   sing N N 10  
HOH O   H2   sing N N 11  
LEU N   CA   sing N N 12  
LEU N   H    sing N N 13  
LEU N   H2   sing N N 14  
LEU CA  C    sing N N 15  
LEU CA  CB   sing N N 16  
LEU CA  HA   sing N N 17  
LEU C   O    doub N N 18  
LEU C   OXT  sing N N 19  
LEU CB  CG   sing N N 20  
LEU CB  HB2  sing N N 21  
LEU CB  HB3  sing N N 22  
LEU CG  CD1  sing N N 23  
LEU CG  CD2  sing N N 24  
LEU CG  HG   sing N N 25  
LEU CD1 HD11 sing N N 26  
LEU CD1 HD12 sing N N 27  
LEU CD1 HD13 sing N N 28  
LEU CD2 HD21 sing N N 29  
LEU CD2 HD22 sing N N 30  
LEU CD2 HD23 sing N N 31  
LEU OXT HXT  sing N N 32  
MET N   CA   sing N N 33  
MET N   H    sing N N 34  
MET N   H2   sing N N 35  
MET CA  C    sing N N 36  
MET CA  CB   sing N N 37  
MET CA  HA   sing N N 38  
MET C   O    doub N N 39  
MET C   OXT  sing N N 40  
MET CB  CG   sing N N 41  
MET CB  HB2  sing N N 42  
MET CB  HB3  sing N N 43  
MET CG  SD   sing N N 44  
MET CG  HG2  sing N N 45  
MET CG  HG3  sing N N 46  
MET SD  CE   sing N N 47  
MET CE  HE1  sing N N 48  
MET CE  HE2  sing N N 49  
MET CE  HE3  sing N N 50  
MET OXT HXT  sing N N 51  
MPD C1  C2   sing N N 52  
MPD C1  H11  sing N N 53  
MPD C1  H12  sing N N 54  
MPD C1  H13  sing N N 55  
MPD C2  O2   sing N N 56  
MPD C2  CM   sing N N 57  
MPD C2  C3   sing N N 58  
MPD O2  HO2  sing N N 59  
MPD CM  HM1  sing N N 60  
MPD CM  HM2  sing N N 61  
MPD CM  HM3  sing N N 62  
MPD C3  C4   sing N N 63  
MPD C3  H31  sing N N 64  
MPD C3  H32  sing N N 65  
MPD C4  O4   sing N N 66  
MPD C4  C5   sing N N 67  
MPD C4  H4   sing N N 68  
MPD O4  HO4  sing N N 69  
MPD C5  H51  sing N N 70  
MPD C5  H52  sing N N 71  
MPD C5  H53  sing N N 72  
SER N   CA   sing N N 73  
SER N   H    sing N N 74  
SER N   H2   sing N N 75  
SER CA  C    sing N N 76  
SER CA  CB   sing N N 77  
SER CA  HA   sing N N 78  
SER C   O    doub N N 79  
SER C   OXT  sing N N 80  
SER CB  OG   sing N N 81  
SER CB  HB2  sing N N 82  
SER CB  HB3  sing N N 83  
SER OG  HG   sing N N 84  
SER OXT HXT  sing N N 85  
TYR N   CA   sing N N 86  
TYR N   H    sing N N 87  
TYR N   H2   sing N N 88  
TYR CA  C    sing N N 89  
TYR CA  CB   sing N N 90  
TYR CA  HA   sing N N 91  
TYR C   O    doub N N 92  
TYR C   OXT  sing N N 93  
TYR CB  CG   sing N N 94  
TYR CB  HB2  sing N N 95  
TYR CB  HB3  sing N N 96  
TYR CG  CD1  doub Y N 97  
TYR CG  CD2  sing Y N 98  
TYR CD1 CE1  sing Y N 99  
TYR CD1 HD1  sing N N 100 
TYR CD2 CE2  doub Y N 101 
TYR CD2 HD2  sing N N 102 
TYR CE1 CZ   doub Y N 103 
TYR CE1 HE1  sing N N 104 
TYR CE2 CZ   sing Y N 105 
TYR CE2 HE2  sing N N 106 
TYR CZ  OH   sing N N 107 
TYR OH  HH   sing N N 108 
TYR OXT HXT  sing N N 109 
# 
_atom_sites.entry_id                    4W5M 
_atom_sites.fract_transf_matrix[1][1]   -0.00386637 
_atom_sites.fract_transf_matrix[1][2]   0.01976664 
_atom_sites.fract_transf_matrix[1][3]   -0.00644523 
_atom_sites.fract_transf_matrix[2][1]   -0.10068405 
_atom_sites.fract_transf_matrix[2][2]   -0.02623961 
_atom_sites.fract_transf_matrix[2][3]   -0.02007482 
_atom_sites.fract_transf_matrix[3][1]   -0.01189688 
_atom_sites.fract_transf_matrix[3][2]   0.01501583 
_atom_sites.fract_transf_matrix[3][3]   0.04004102 
_atom_sites.fract_transf_vector[1]      0.276136 
_atom_sites.fract_transf_vector[2]      -0.067175 
_atom_sites.fract_transf_vector[3]      0.275897 
# 
loop_
_atom_type.symbol 
C 
N 
O 
S 
# 
loop_
_atom_site.group_PDB 
_atom_site.id 
_atom_site.type_symbol 
_atom_site.label_atom_id 
_atom_site.label_alt_id 
_atom_site.label_comp_id 
_atom_site.label_asym_id 
_atom_site.label_entity_id 
_atom_site.label_seq_id 
_atom_site.pdbx_PDB_ins_code 
_atom_site.Cartn_x 
_atom_site.Cartn_y 
_atom_site.Cartn_z 
_atom_site.occupancy 
_atom_site.B_iso_or_equiv 
_atom_site.pdbx_formal_charge 
_atom_site.auth_seq_id 
_atom_site.auth_comp_id 
_atom_site.auth_asym_id 
_atom_site.auth_atom_id 
_atom_site.pdbx_PDB_model_num 
ATOM   1   N N   . GLY A 1 1 ? -0.271 9.941   -1.894 1.00 23.38 ? 126 GLY A N   1 
ATOM   2   C CA  . GLY A 1 1 ? 0.575  8.896   -2.442 1.00 20.02 ? 126 GLY A CA  1 
ATOM   3   C C   . GLY A 1 1 ? -0.170 7.613   -2.760 1.00 17.88 ? 126 GLY A C   1 
ATOM   4   O O   . GLY A 1 1 ? -1.393 7.588   -2.898 1.00 19.39 ? 126 GLY A O   1 
ATOM   5   N N   . GLY A 1 2 ? 0.582  6.533   -2.855 1.00 12.71 ? 127 GLY A N   1 
ATOM   6   C CA  . GLY A 1 2 ? 0.016  5.245   -3.189 1.00 10.83 ? 127 GLY A CA  1 
ATOM   7   C C   . GLY A 1 2 ? 1.113  4.198   -3.149 1.00 7.98  ? 127 GLY A C   1 
ATOM   8   O O   . GLY A 1 2 ? 2.240  4.476   -2.733 1.00 8.89  ? 127 GLY A O   1 
ATOM   9   N N   . TYR A 1 3 ? 0.782  2.983   -3.564 1.00 7.34  ? 128 TYR A N   1 
ATOM   10  C CA  . TYR A 1 3 ? 1.683  1.864   -3.392 1.00 7.78  ? 128 TYR A CA  1 
ATOM   11  C C   . TYR A 1 3 ? 1.469  0.849   -4.501 1.00 7.42  ? 128 TYR A C   1 
ATOM   12  O O   . TYR A 1 3 ? 0.393  0.769   -5.086 1.00 6.40  ? 128 TYR A O   1 
ATOM   13  C CB  . TYR A 1 3 ? 1.455  1.195   -2.034 1.00 15.63 ? 128 TYR A CB  1 
ATOM   14  C CG  . TYR A 1 3 ? 0.012  0.799   -1.811 1.00 18.33 ? 128 TYR A CG  1 
ATOM   15  C CD1 . TYR A 1 3 ? -0.877 1.679   -1.211 1.00 16.70 ? 128 TYR A CD1 1 
ATOM   16  C CD2 . TYR A 1 3 ? -0.465 -0.449  -2.214 1.00 19.56 ? 128 TYR A CD2 1 
ATOM   17  C CE1 . TYR A 1 3 ? -2.189 1.341   -1.016 1.00 19.06 ? 128 TYR A CE1 1 
ATOM   18  C CE2 . TYR A 1 3 ? -1.783 -0.795  -2.024 1.00 20.95 ? 128 TYR A CE2 1 
ATOM   19  C CZ  . TYR A 1 3 ? -2.641 0.100   -1.418 1.00 22.39 ? 128 TYR A CZ  1 
ATOM   20  O OH  . TYR A 1 3 ? -3.963 -0.222  -1.220 1.00 24.03 ? 128 TYR A OH  1 
ATOM   21  N N   . MET A 1 4 ? 2.500  0.056   -4.737 1.00 7.53  ? 129 MET A N   1 
ATOM   22  C CA  . MET A 1 4 ? 2.482  -0.999  -5.725 1.00 9.44  ? 129 MET A CA  1 
ATOM   23  C C   . MET A 1 4 ? 3.368  -2.117  -5.202 1.00 7.87  ? 129 MET A C   1 
ATOM   24  O O   . MET A 1 4 ? 4.498  -1.868  -4.809 1.00 10.34 ? 129 MET A O   1 
ATOM   25  C CB  . MET A 1 4 ? 2.992  -0.489  -7.073 1.00 17.17 ? 129 MET A CB  1 
ATOM   26  C CG  . MET A 1 4 ? 2.831  -1.450  -8.219 1.00 25.12 ? 129 MET A CG  1 
ATOM   27  S SD  . MET A 1 4 ? 3.515  -0.726  -9.727 1.00 33.54 ? 129 MET A SD  1 
ATOM   28  C CE  . MET A 1 4 ? 2.920  0.951   -9.608 1.00 32.44 ? 129 MET A CE  1 
ATOM   29  N N   . LEU A 1 5 ? 2.844  -3.332  -5.179 1.00 7.38  ? 130 LEU A N   1 
ATOM   30  C CA  . LEU A 1 5 ? 3.594  -4.504  -4.751 1.00 9.93  ? 130 LEU A CA  1 
ATOM   31  C C   . LEU A 1 5 ? 3.341  -5.609  -5.754 1.00 10.02 ? 130 LEU A C   1 
ATOM   32  O O   . LEU A 1 5 ? 2.224  -5.776  -6.231 1.00 9.91  ? 130 LEU A O   1 
ATOM   33  C CB  . LEU A 1 5 ? 3.170  -4.977  -3.361 1.00 16.40 ? 130 LEU A CB  1 
ATOM   34  C CG  . LEU A 1 5 ? 3.494  -4.110  -2.155 1.00 24.31 ? 130 LEU A CG  1 
ATOM   35  C CD1 . LEU A 1 5 ? 2.368  -3.101  -1.910 1.00 27.03 ? 130 LEU A CD1 1 
ATOM   36  C CD2 . LEU A 1 5 ? 3.769  -4.969  -0.923 1.00 24.74 ? 130 LEU A CD2 1 
ATOM   37  N N   . GLY A 1 6 ? 4.370  -6.373  -6.078 1.00 10.26 ? 131 GLY A N   1 
ATOM   38  C CA  . GLY A 1 6 ? 4.156  -7.476  -6.980 1.00 13.01 ? 131 GLY A CA  1 
ATOM   39  C C   . GLY A 1 6 ? 5.201  -8.539  -6.828 1.00 13.13 ? 131 GLY A C   1 
ATOM   40  O O   . GLY A 1 6 ? 6.267  -8.316  -6.259 1.00 12.38 ? 131 GLY A O   1 
ATOM   41  N N   . SER A 1 7 ? 4.875  -9.714  -7.344 1.00 14.76 ? 132 SER A N   1 
ATOM   42  C CA  . SER A 1 7 ? 5.805  -10.824 -7.356 1.00 22.48 ? 132 SER A CA  1 
ATOM   43  C C   . SER A 1 7 ? 5.727  -11.505 -8.709 1.00 28.20 ? 132 SER A C   1 
ATOM   44  O O   . SER A 1 7 ? 4.921  -11.095 -9.546 1.00 26.05 ? 132 SER A O   1 
ATOM   45  C CB  . SER A 1 7 ? 5.488  -11.804 -6.223 1.00 26.79 ? 132 SER A CB  1 
ATOM   46  O OG  . SER A 1 7 ? 4.099  -12.064 -6.149 1.00 29.50 ? 132 SER A OG  1 
ATOM   47  O OXT . SER A 1 7 ? 6.453  -12.467 -8.989 1.00 32.83 ? 132 SER A OXT 1 
ATOM   48  N N   . GLY B 1 1 ? -5.790 12.078  4.095  1.00 20.96 ? 126 GLY B N   1 
ATOM   49  C CA  . GLY B 1 1 ? -5.928 10.716  3.636  1.00 17.69 ? 126 GLY B CA  1 
ATOM   50  C C   . GLY B 1 1 ? -4.586 10.018  3.616  1.00 15.32 ? 126 GLY B C   1 
ATOM   51  O O   . GLY B 1 1 ? -3.549 10.600  3.943  1.00 17.48 ? 126 GLY B O   1 
ATOM   52  N N   . GLY B 1 2 ? -4.621 8.752   3.226  1.00 12.09 ? 127 GLY B N   1 
ATOM   53  C CA  . GLY B 1 2 ? -3.436 7.925   3.146  1.00 10.06 ? 127 GLY B CA  1 
ATOM   54  C C   . GLY B 1 2 ? -3.863 6.476   2.983  1.00 7.26  ? 127 GLY B C   1 
ATOM   55  O O   . GLY B 1 2 ? -4.986 6.170   2.560  1.00 8.28  ? 127 GLY B O   1 
ATOM   56  N N   . TYR B 1 3 ? -2.953 5.579   3.325  1.00 6.41  ? 128 TYR B N   1 
ATOM   57  C CA  . TYR B 1 3 ? -3.225 4.161   3.229  1.00 7.10  ? 128 TYR B CA  1 
ATOM   58  C C   . TYR B 1 3 ? -2.544 3.410   4.368  1.00 6.58  ? 128 TYR B C   1 
ATOM   59  O O   . TYR B 1 3 ? -1.531 3.849   4.917  1.00 6.02  ? 128 TYR B O   1 
ATOM   60  C CB  . TYR B 1 3 ? -2.771 3.602   1.863  1.00 8.23  ? 128 TYR B CB  1 
ATOM   61  C CG  . TYR B 1 3 ? -1.303 3.811   1.575  1.00 8.89  ? 128 TYR B CG  1 
ATOM   62  C CD1 . TYR B 1 3 ? -0.864 4.938   0.888  1.00 9.15  ? 128 TYR B CD1 1 
ATOM   63  C CD2 . TYR B 1 3 ? -0.355 2.888   1.998  1.00 9.71  ? 128 TYR B CD2 1 
ATOM   64  C CE1 . TYR B 1 3 ? 0.477  5.134   0.628  1.00 11.55 ? 128 TYR B CE1 1 
ATOM   65  C CE2 . TYR B 1 3 ? 0.989  3.075   1.743  1.00 10.79 ? 128 TYR B CE2 1 
ATOM   66  C CZ  . TYR B 1 3 ? 1.400  4.195   1.061  1.00 10.49 ? 128 TYR B CZ  1 
ATOM   67  O OH  . TYR B 1 3 ? 2.746  4.384   0.808  1.00 13.70 ? 128 TYR B OH  1 
ATOM   68  N N   . MET B 1 4 ? -3.145 2.278   4.718  1.00 6.06  ? 129 MET B N   1 
ATOM   69  C CA  . MET B 1 4 ? -2.582 1.364   5.696  1.00 8.01  ? 129 MET B CA  1 
ATOM   70  C C   . MET B 1 4 ? -2.760 -0.045  5.196  1.00 9.31  ? 129 MET B C   1 
ATOM   71  O O   . MET B 1 4 ? -3.880 -0.425  4.865  1.00 11.86 ? 129 MET B O   1 
ATOM   72  C CB  . MET B 1 4 ? -3.274 1.467   7.046  1.00 11.63 ? 129 MET B CB  1 
ATOM   73  C CG  . MET B 1 4 ? -3.252 2.772   7.725  1.00 19.03 ? 129 MET B CG  1 
ATOM   74  S SD  . MET B 1 4 ? -4.522 2.734   9.010  1.00 21.63 ? 129 MET B SD  1 
ATOM   75  C CE  . MET B 1 4 ? -4.022 1.382   10.069 1.00 18.79 ? 129 MET B CE  1 
ATOM   76  N N   . LEU B 1 5 ? -1.683 -0.828  5.181  1.00 8.07  ? 130 LEU B N   1 
ATOM   77  C CA  . LEU B 1 5 ? -1.749 -2.226  4.767  1.00 9.22  ? 130 LEU B CA  1 
ATOM   78  C C   . LEU B 1 5 ? -1.071 -3.074  5.817  1.00 7.24  ? 130 LEU B C   1 
ATOM   79  O O   . LEU B 1 5 ? -0.056 -2.670  6.372  1.00 8.04  ? 130 LEU B O   1 
ATOM   80  C CB  . LEU B 1 5 ? -1.049 -2.451  3.419  1.00 13.74 ? 130 LEU B CB  1 
ATOM   81  C CG  . LEU B 1 5 ? -1.254 -1.440  2.303  1.00 21.82 ? 130 LEU B CG  1 
ATOM   82  C CD1 . LEU B 1 5 ? -0.469 -1.879  1.068  1.00 24.68 ? 130 LEU B CD1 1 
ATOM   83  C CD2 . LEU B 1 5 ? -2.732 -1.313  2.000  1.00 23.21 ? 130 LEU B CD2 1 
ATOM   84  N N   . GLY B 1 6 ? -1.611 -4.265  6.054  1.00 6.82  ? 131 GLY B N   1 
ATOM   85  C CA  . GLY B 1 6 ? -0.960 -5.216  6.929  1.00 8.97  ? 131 GLY B CA  1 
ATOM   86  C C   . GLY B 1 6 ? -1.208 -6.629  6.460  1.00 8.81  ? 131 GLY B C   1 
ATOM   87  O O   . GLY B 1 6 ? -2.268 -6.939  5.925  1.00 9.47  ? 131 GLY B O   1 
ATOM   88  N N   . SER B 1 7 ? -0.227 -7.497  6.661  1.00 10.71 ? 132 SER B N   1 
ATOM   89  C CA  . SER B 1 7 ? -0.433 -8.927  6.434  1.00 15.40 ? 132 SER B CA  1 
ATOM   90  C C   . SER B 1 7 ? 0.380  -9.737  7.428  1.00 17.54 ? 132 SER B C   1 
ATOM   91  O O   . SER B 1 7 ? 1.111  -9.164  8.223  1.00 18.51 ? 132 SER B O   1 
ATOM   92  C CB  . SER B 1 7 ? -0.048 -9.313  5.012  1.00 21.79 ? 132 SER B CB  1 
ATOM   93  O OG  . SER B 1 7 ? 1.349  -9.193  4.832  1.00 25.96 ? 132 SER B OG  1 
ATOM   94  O OXT . SER B 1 7 ? 0.346  -10.965 7.463  1.00 17.82 ? 132 SER B OXT 1 
HETATM 95  C C1  . MPD C 2 . ? 1.586  -5.273  4.182  1.00 34.52 ? 201 MPD B C1  1 
HETATM 96  C C2  . MPD C 2 . ? 2.744  -6.116  3.661  1.00 35.41 ? 201 MPD B C2  1 
HETATM 97  O O2  . MPD C 2 . ? 3.061  -7.116  4.665  1.00 36.18 ? 201 MPD B O2  1 
HETATM 98  C CM  . MPD C 2 . ? 2.343  -6.805  2.365  1.00 36.76 ? 201 MPD B CM  1 
HETATM 99  C C3  . MPD C 2 . ? 3.983  -5.276  3.399  1.00 32.05 ? 201 MPD B C3  1 
HETATM 100 C C4  . MPD C 2 . ? 5.095  -5.598  4.381  1.00 33.35 ? 201 MPD B C4  1 
HETATM 101 O O4  . MPD C 2 . ? 5.457  -6.954  4.257  1.00 31.71 ? 201 MPD B O4  1 
HETATM 102 C C5  . MPD C 2 . ? 6.306  -4.720  4.096  1.00 34.95 ? 201 MPD B C5  1 
HETATM 103 O O   . HOH D 3 . ? -4.720 0.757   0.690  1.00 28.61 ? 201 HOH A O   1 
HETATM 104 O O   . HOH E 3 . ? 2.727  -10.119 10.217 0.33 31.23 ? 301 HOH B O   1 
HETATM 105 O O   . HOH E 3 . ? 2.378  -11.658 3.968  1.00 31.37 ? 302 HOH B O   1 
HETATM 106 O O   . HOH E 3 . ? 4.538  -11.976 9.426  1.00 44.55 ? 303 HOH B O   1 
# 
loop_
_atom_site_anisotrop.id 
_atom_site_anisotrop.type_symbol 
_atom_site_anisotrop.pdbx_label_atom_id 
_atom_site_anisotrop.pdbx_label_alt_id 
_atom_site_anisotrop.pdbx_label_comp_id 
_atom_site_anisotrop.pdbx_label_asym_id 
_atom_site_anisotrop.pdbx_label_seq_id 
_atom_site_anisotrop.pdbx_PDB_ins_code 
_atom_site_anisotrop.U[1][1] 
_atom_site_anisotrop.U[2][2] 
_atom_site_anisotrop.U[3][3] 
_atom_site_anisotrop.U[1][2] 
_atom_site_anisotrop.U[1][3] 
_atom_site_anisotrop.U[2][3] 
_atom_site_anisotrop.pdbx_auth_seq_id 
_atom_site_anisotrop.pdbx_auth_comp_id 
_atom_site_anisotrop.pdbx_auth_asym_id 
_atom_site_anisotrop.pdbx_auth_atom_id 
1   N N   . GLY A 1 ? 0.2969 0.1548 0.4365 0.0828  0.0055  -0.0453 126 GLY A N   
2   C CA  . GLY A 1 ? 0.1932 0.1201 0.4473 -0.0032 -0.0402 -0.0397 126 GLY A CA  
3   C C   . GLY A 1 ? 0.1733 0.1151 0.3911 0.0078  -0.0626 -0.0544 126 GLY A C   
4   O O   . GLY A 1 ? 0.1413 0.1327 0.4627 0.0148  -0.0726 -0.0474 126 GLY A O   
5   N N   . GLY A 2 ? 0.1006 0.0888 0.2936 0.0029  -0.0277 -0.0490 127 GLY A N   
6   C CA  . GLY A 2 ? 0.0972 0.0713 0.2430 0.0017  -0.0303 -0.0348 127 GLY A CA  
7   C C   . GLY A 2 ? 0.0529 0.0690 0.1813 -0.0107 -0.0025 -0.0217 127 GLY A C   
8   O O   . GLY A 2 ? 0.0958 0.0586 0.1834 -0.0132 -0.0003 -0.0314 127 GLY A O   
9   N N   . TYR A 3 ? 0.0667 0.0561 0.1559 -0.0039 0.0189  -0.0293 128 TYR A N   
10  C CA  . TYR A 3 ? 0.0698 0.0861 0.1395 0.0131  0.0133  -0.0257 128 TYR A CA  
11  C C   . TYR A 3 ? 0.0798 0.0747 0.1275 -0.0107 0.0137  -0.0173 128 TYR A C   
12  O O   . TYR A 3 ? 0.0625 0.0686 0.1121 -0.0024 -0.0003 -0.0123 128 TYR A O   
13  C CB  . TYR A 3 ? 0.3395 0.1282 0.1260 0.0310  -0.0270 -0.0398 128 TYR A CB  
14  C CG  . TYR A 3 ? 0.4188 0.1320 0.1456 -0.0405 0.0571  -0.0238 128 TYR A CG  
15  C CD1 . TYR A 3 ? 0.3699 0.1322 0.1325 -0.0712 0.0678  -0.0301 128 TYR A CD1 
16  C CD2 . TYR A 3 ? 0.4282 0.1406 0.1744 -0.0772 0.0888  -0.0302 128 TYR A CD2 
17  C CE1 . TYR A 3 ? 0.3952 0.1497 0.1794 -0.0974 0.0883  -0.0348 128 TYR A CE1 
18  C CE2 . TYR A 3 ? 0.4357 0.1522 0.2083 -0.0903 0.0889  -0.0379 128 TYR A CE2 
19  C CZ  . TYR A 3 ? 0.4385 0.1682 0.2440 -0.1043 0.1161  -0.0288 128 TYR A CZ  
20  O OH  . TYR A 3 ? 0.4180 0.1969 0.2982 -0.1318 0.1045  -0.0246 128 TYR A OH  
21  N N   . MET A 4 ? 0.0571 0.0731 0.1558 0.0096  0.0017  -0.0244 129 MET A N   
22  C CA  . MET A 4 ? 0.0888 0.0930 0.1770 0.0022  -0.0332 -0.0323 129 MET A CA  
23  C C   . MET A 4 ? 0.0526 0.0665 0.1797 0.0081  -0.0123 -0.0398 129 MET A C   
24  O O   . MET A 4 ? 0.0729 0.0730 0.2468 0.0039  -0.0370 -0.0278 129 MET A O   
25  C CB  . MET A 4 ? 0.3174 0.1672 0.1678 0.0576  -0.0047 -0.0389 129 MET A CB  
26  C CG  . MET A 4 ? 0.3978 0.2944 0.2621 0.1064  0.0876  0.0479  129 MET A CG  
27  S SD  . MET A 4 ? 0.5520 0.4087 0.3138 0.1484  0.1685  0.1176  129 MET A SD  
28  C CE  . MET A 4 ? 0.5427 0.3869 0.3031 0.1267  0.2004  0.1064  129 MET A CE  
29  N N   . LEU A 5 ? 0.0569 0.0795 0.1440 0.0116  -0.0085 -0.0357 130 LEU A N   
30  C CA  . LEU A 5 ? 0.1265 0.0905 0.1602 0.0481  -0.0274 -0.0439 130 LEU A CA  
31  C C   . LEU A 5 ? 0.0749 0.0765 0.2295 -0.0068 0.0237  -0.0215 130 LEU A C   
32  O O   . LEU A 5 ? 0.0559 0.1022 0.2184 0.0033  -0.0071 -0.0183 130 LEU A O   
33  C CB  . LEU A 5 ? 0.3106 0.1430 0.1697 0.0969  -0.0799 -0.0263 130 LEU A CB  
34  C CG  . LEU A 5 ? 0.4603 0.2032 0.2604 0.1437  -0.0050 0.0323  130 LEU A CG  
35  C CD1 . LEU A 5 ? 0.5175 0.2226 0.2871 0.1224  0.0177  0.0521  130 LEU A CD1 
36  C CD2 . LEU A 5 ? 0.4870 0.2034 0.2497 0.1389  0.0061  0.0394  130 LEU A CD2 
37  N N   . GLY A 6 ? 0.0705 0.0782 0.2411 0.0096  -0.0236 -0.0421 131 GLY A N   
38  C CA  . GLY A 6 ? 0.1309 0.1070 0.2562 0.0392  -0.0463 -0.0602 131 GLY A CA  
39  C C   . GLY A 6 ? 0.1182 0.0982 0.2825 0.0067  -0.0618 -0.0542 131 GLY A C   
40  O O   . GLY A 6 ? 0.0840 0.0914 0.2950 0.0088  -0.0341 -0.0509 131 GLY A O   
41  N N   . SER A 7 ? 0.1078 0.1044 0.3488 0.0123  -0.0604 -0.0517 132 SER A N   
42  C CA  . SER A 7 ? 0.2581 0.2028 0.3934 0.1099  -0.0814 -0.0242 132 SER A CA  
43  C C   . SER A 7 ? 0.4297 0.2850 0.3569 0.1967  -0.0503 0.0005  132 SER A C   
44  O O   . SER A 7 ? 0.4754 0.2584 0.2557 0.1749  -0.1111 -0.0483 132 SER A O   
45  C CB  . SER A 7 ? 0.2757 0.2139 0.5282 0.0944  -0.0660 0.0262  132 SER A CB  
46  O OG  . SER A 7 ? 0.3351 0.1751 0.6108 0.0312  -0.0901 0.0372  132 SER A OG  
47  O OXT . SER A 7 ? 0.4995 0.3598 0.3882 0.2331  -0.0212 0.0617  132 SER A OXT 
48  N N   . GLY B 1 ? 0.2264 0.1452 0.4249 0.0662  -0.0327 -0.0094 126 GLY B N   
49  C CA  . GLY B 1 ? 0.1678 0.1295 0.3747 0.0466  -0.0441 -0.0002 126 GLY B CA  
50  C C   . GLY B 1 ? 0.1361 0.1017 0.3443 0.0144  -0.0547 0.0208  126 GLY B C   
51  O O   . GLY B 1 ? 0.1905 0.1039 0.3699 0.0129  -0.0422 0.0298  126 GLY B O   
52  N N   . GLY B 2 ? 0.1065 0.0851 0.2678 0.0050  -0.0653 0.0180  127 GLY B N   
53  C CA  . GLY B 2 ? 0.1054 0.0741 0.2027 0.0203  -0.0299 0.0288  127 GLY B CA  
54  C C   . GLY B 2 ? 0.0608 0.0592 0.1559 -0.0062 -0.0126 0.0301  127 GLY B C   
55  O O   . GLY B 2 ? 0.0717 0.0752 0.1675 0.0004  -0.0340 0.0430  127 GLY B O   
56  N N   . TYR B 3 ? 0.0588 0.0611 0.1236 0.0114  -0.0166 0.0136  128 TYR B N   
57  C CA  . TYR B 3 ? 0.0924 0.0631 0.1144 0.0001  -0.0144 0.0187  128 TYR B CA  
58  C C   . TYR B 3 ? 0.0675 0.0616 0.1207 0.0173  -0.0038 0.0137  128 TYR B C   
59  O O   . TYR B 3 ? 0.0573 0.0442 0.1271 -0.0055 -0.0102 0.0099  128 TYR B O   
60  C CB  . TYR B 3 ? 0.1346 0.0758 0.1023 -0.0146 -0.0034 0.0051  128 TYR B CB  
61  C CG  . TYR B 3 ? 0.1688 0.0879 0.0812 -0.0183 0.0102  -0.0138 128 TYR B CG  
62  C CD1 . TYR B 3 ? 0.1226 0.1191 0.1059 -0.0066 0.0020  -0.0114 128 TYR B CD1 
63  C CD2 . TYR B 3 ? 0.1705 0.1101 0.0881 0.0069  0.0148  -0.0148 128 TYR B CD2 
64  C CE1 . TYR B 3 ? 0.1814 0.1367 0.1207 0.0046  0.0441  -0.0163 128 TYR B CE1 
65  C CE2 . TYR B 3 ? 0.1923 0.1156 0.1022 -0.0110 0.0197  -0.0219 128 TYR B CE2 
66  C CZ  . TYR B 3 ? 0.1358 0.1589 0.1038 -0.0029 0.0345  -0.0255 128 TYR B CZ  
67  O OH  . TYR B 3 ? 0.1908 0.2074 0.1226 0.0248  0.0516  -0.0233 128 TYR B OH  
68  N N   . MET B 4 ? 0.0541 0.0453 0.1310 -0.0032 -0.0253 0.0267  129 MET B N   
69  C CA  . MET B 4 ? 0.0628 0.0793 0.1622 0.0048  -0.0300 0.0372  129 MET B CA  
70  C C   . MET B 4 ? 0.0886 0.0658 0.1993 -0.0130 -0.0485 0.0360  129 MET B C   
71  O O   . MET B 4 ? 0.0921 0.0847 0.2738 -0.0131 -0.0564 0.0418  129 MET B O   
72  C CB  . MET B 4 ? 0.1581 0.1429 0.1409 -0.0005 -0.0089 0.0498  129 MET B CB  
73  C CG  . MET B 4 ? 0.2870 0.2286 0.2075 0.0568  0.0581  0.0960  129 MET B CG  
74  S SD  . MET B 4 ? 0.2655 0.2895 0.2670 0.1094  0.1080  0.0970  129 MET B SD  
75  C CE  . MET B 4 ? 0.2155 0.2564 0.2422 0.0655  0.1219  0.0859  129 MET B CE  
76  N N   . LEU B 5 ? 0.0755 0.0551 0.1759 -0.0051 -0.0317 0.0297  130 LEU B N   
77  C CA  . LEU B 5 ? 0.1150 0.0770 0.1583 0.0145  -0.0560 0.0259  130 LEU B CA  
78  C C   . LEU B 5 ? 0.0750 0.0652 0.1350 0.0133  -0.0307 0.0285  130 LEU B C   
79  O O   . LEU B 5 ? 0.0661 0.0732 0.1664 -0.0184 -0.0415 0.0501  130 LEU B O   
80  C CB  . LEU B 5 ? 0.2799 0.1120 0.1301 0.0150  -0.0938 0.0044  130 LEU B CB  
81  C CG  . LEU B 5 ? 0.4084 0.2545 0.1660 0.0941  -0.0541 0.0510  130 LEU B CG  
82  C CD1 . LEU B 5 ? 0.4248 0.2960 0.2171 0.1443  -0.0182 0.0622  130 LEU B CD1 
83  C CD2 . LEU B 5 ? 0.4295 0.2725 0.1800 0.0883  -0.0442 0.0595  130 LEU B CD2 
84  N N   . GLY B 6 ? 0.0729 0.0517 0.1343 0.0081  -0.0206 0.0198  131 GLY B N   
85  C CA  . GLY B 6 ? 0.0862 0.0742 0.1805 0.0082  -0.0184 0.0376  131 GLY B CA  
86  C C   . GLY B 6 ? 0.0579 0.0732 0.2038 -0.0027 -0.0243 0.0302  131 GLY B C   
87  O O   . GLY B 6 ? 0.0801 0.0677 0.2123 0.0073  -0.0396 0.0168  131 GLY B O   
88  N N   . SER B 7 ? 0.0845 0.0801 0.2425 0.0089  -0.0446 0.0132  132 SER B N   
89  C CA  . SER B 7 ? 0.1598 0.1147 0.3105 0.0262  -0.0726 0.0303  132 SER B CA  
90  C C   . SER B 7 ? 0.1965 0.1111 0.3588 0.0103  -0.0765 0.0404  132 SER B C   
91  O O   . SER B 7 ? 0.1888 0.1203 0.3940 0.0069  -0.0459 0.0613  132 SER B O   
92  C CB  . SER B 7 ? 0.2857 0.1844 0.3577 0.0862  -0.0445 0.0560  132 SER B CB  
93  O OG  . SER B 7 ? 0.3305 0.2400 0.4160 0.1386  0.0494  0.0947  132 SER B OG  
94  O OXT . SER B 7 ? 0.1834 0.1135 0.3800 -0.0188 -0.0696 0.0524  132 SER B OXT 
95  C C1  . MPD C . ? 0.7633 0.2478 0.3004 0.0365  -0.1122 0.0503  201 MPD B C1  
96  C C2  . MPD C . ? 0.7671 0.2621 0.3163 0.0233  -0.1088 0.0662  201 MPD B C2  
97  O O2  . MPD C . ? 0.7853 0.2633 0.3263 0.0348  -0.1026 0.0732  201 MPD B O2  
98  C CM  . MPD C . ? 0.8001 0.2791 0.3173 0.0473  -0.1068 0.0713  201 MPD B CM  
99  C C3  . MPD C . ? 0.6115 0.2845 0.3215 0.0076  -0.0780 0.0847  201 MPD B C3  
100 C C4  . MPD C . ? 0.5936 0.3139 0.3595 0.0373  -0.0173 0.0995  201 MPD B C4  
101 O O4  . MPD C . ? 0.4884 0.3282 0.3881 0.0675  0.0342  0.1074  201 MPD B O4  
102 C C5  . MPD C . ? 0.6186 0.3612 0.3481 0.0782  -0.0055 0.1247  201 MPD B C5  
103 O O   . HOH D . ? 0.3917 0.3013 0.3940 0.1468  -0.0368 0.0035  201 HOH A O   
104 O O   . HOH E . ? 0.2279 0.4794 0.4792 -0.0887 -0.1051 0.2443  301 HOH B O   
105 O O   . HOH E . ? 0.5744 0.1965 0.4211 0.0874  0.1150  0.0761  302 HOH B O   
106 O O   . HOH E . ? 0.7784 0.4386 0.4759 0.2798  0.0051  -0.0990 303 HOH B O   
# 
